data_3B1P
#
_entry.id   3B1P
#
_cell.length_a   74.875
_cell.length_b   83.853
_cell.length_c   52.864
_cell.angle_alpha   90.00
_cell.angle_beta   90.00
_cell.angle_gamma   90.00
#
_symmetry.space_group_name_H-M   'P 21 21 2'
#
loop_
_entity.id
_entity.type
_entity.pdbx_description
1 polymer 'Ribokinase, putative'
2 non-polymer INOSINE
3 non-polymer "ADENOSINE-5'-DIPHOSPHATE"
4 non-polymer 'SODIUM ION'
5 water water
#
_entity_poly.entity_id   1
_entity_poly.type   'polypeptide(L)'
_entity_poly.pdbx_seq_one_letter_code
;MATLICGSIAYDNIMTFEGRFREHILPDQVHLINLSFLVPTMRREFGGCAGNIAYALNLLGGDARMMGTLGAVDAQPYLD
RMDALGLSREYVRVLPDTYSAQAMITTDLDNNQITAFHPGAMMQSHVNHAGEAKDIKLAIVGPDGFQGMVQHTEELAQAG
VPFIFDPGQGLPLFDGATLRRSIELATYIAVNDYEAKLVCDKTGWSEDEIASRVQALIITRGEHGATIRHRDGTEQIPAV
RAERVIDPTGCGDAFRGGLLYGIEHGFDWATAGRLASLMGALKIAHQGPQTYAPTRAEIDARFETAFGYRPKGSKLRSLE
HHHHHH
;
_entity_poly.pdbx_strand_id   A
#
loop_
_chem_comp.id
_chem_comp.type
_chem_comp.name
_chem_comp.formula
ADP non-polymer ADENOSINE-5'-DIPHOSPHATE 'C10 H15 N5 O10 P2'
NA non-polymer 'SODIUM ION' 'Na 1'
NOS non-polymer INOSINE 'C10 H12 N4 O5'
#
# COMPACT_ATOMS: atom_id res chain seq x y z
N ALA A 2 13.22 -10.12 -8.25
CA ALA A 2 12.42 -8.84 -8.23
C ALA A 2 11.08 -9.05 -7.51
N THR A 3 10.39 -7.95 -7.23
CA THR A 3 9.14 -7.97 -6.47
C THR A 3 8.03 -7.45 -7.36
N LEU A 4 6.97 -8.26 -7.47
CA LEU A 4 5.87 -7.90 -8.37
C LEU A 4 4.88 -7.09 -7.54
N ILE A 5 4.49 -5.94 -8.05
CA ILE A 5 3.57 -5.08 -7.31
CA ILE A 5 3.64 -4.98 -7.33
C ILE A 5 2.28 -4.91 -8.06
N CYS A 6 1.27 -5.63 -7.58
CA CYS A 6 0.01 -5.71 -8.35
C CYS A 6 -0.95 -4.72 -7.68
N GLY A 7 -1.55 -3.87 -8.47
CA GLY A 7 -2.53 -2.93 -7.93
C GLY A 7 -2.83 -1.82 -8.86
N SER A 8 -3.54 -0.81 -8.35
CA SER A 8 -3.99 0.28 -9.20
C SER A 8 -2.82 1.22 -9.56
N ILE A 9 -2.97 1.82 -10.73
CA ILE A 9 -2.09 2.89 -11.17
C ILE A 9 -3.02 3.99 -11.58
N ALA A 10 -2.83 5.15 -11.00
CA ALA A 10 -3.91 6.13 -11.03
C ALA A 10 -3.42 7.55 -10.85
N TYR A 11 -4.24 8.51 -11.30
CA TYR A 11 -3.95 9.88 -11.03
C TYR A 11 -4.83 10.36 -9.89
N ASP A 12 -4.22 11.02 -8.91
CA ASP A 12 -4.94 11.39 -7.67
C ASP A 12 -5.18 12.88 -7.60
N ASN A 13 -6.38 13.25 -7.13
CA ASN A 13 -6.69 14.64 -6.80
CA ASN A 13 -6.64 14.64 -6.76
C ASN A 13 -7.06 14.67 -5.32
N ILE A 14 -6.21 15.24 -4.48
CA ILE A 14 -6.30 15.11 -3.03
C ILE A 14 -6.70 16.41 -2.38
N MET A 15 -7.77 16.36 -1.56
CA MET A 15 -8.24 17.51 -0.81
C MET A 15 -8.04 17.18 0.66
N THR A 16 -7.12 17.90 1.28
CA THR A 16 -6.79 17.66 2.69
C THR A 16 -7.41 18.65 3.64
N PHE A 17 -8.31 18.14 4.46
CA PHE A 17 -8.82 18.92 5.58
C PHE A 17 -7.74 19.04 6.66
N GLU A 18 -7.44 20.29 7.02
CA GLU A 18 -6.39 20.53 8.06
C GLU A 18 -7.05 20.44 9.41
N GLY A 19 -7.38 19.22 9.82
CA GLY A 19 -8.15 18.98 11.00
C GLY A 19 -8.51 17.50 11.07
N ARG A 20 -9.44 17.20 11.95
CA ARG A 20 -9.81 15.81 12.25
C ARG A 20 -11.31 15.68 12.11
N PHE A 21 -11.75 14.86 11.16
CA PHE A 21 -13.22 14.67 10.98
C PHE A 21 -13.86 14.22 12.31
N ARG A 22 -13.13 13.46 13.15
CA ARG A 22 -13.69 12.98 14.43
C ARG A 22 -14.34 14.12 15.24
N GLU A 23 -13.72 15.32 15.21
CA GLU A 23 -14.15 16.45 16.04
C GLU A 23 -15.42 17.10 15.50
N HIS A 24 -15.85 16.63 14.36
CA HIS A 24 -16.95 17.28 13.62
C HIS A 24 -18.12 16.35 13.35
N ILE A 25 -18.04 15.13 13.85
CA ILE A 25 -19.13 14.17 13.65
C ILE A 25 -20.04 14.18 14.86
N LEU A 26 -21.33 14.38 14.61
CA LEU A 26 -22.32 14.47 15.70
C LEU A 26 -23.35 13.37 15.46
N PRO A 27 -23.11 12.19 16.05
CA PRO A 27 -23.93 11.01 15.66
C PRO A 27 -25.42 11.17 16.01
N ASP A 28 -25.74 11.99 17.00
CA ASP A 28 -27.12 12.17 17.46
C ASP A 28 -28.02 12.92 16.47
N GLN A 29 -27.41 13.58 15.47
CA GLN A 29 -28.15 14.41 14.50
C GLN A 29 -28.47 13.61 13.25
N VAL A 30 -29.52 14.03 12.53
CA VAL A 30 -29.86 13.39 11.26
C VAL A 30 -28.73 13.55 10.23
N HIS A 31 -28.13 14.75 10.21
CA HIS A 31 -26.89 15.01 9.47
C HIS A 31 -25.76 14.87 10.46
N LEU A 32 -24.90 13.85 10.31
CA LEU A 32 -23.86 13.66 11.30
C LEU A 32 -22.59 14.48 10.98
N ILE A 33 -22.45 14.98 9.75
CA ILE A 33 -21.29 15.87 9.45
C ILE A 33 -21.63 16.78 8.29
N ASN A 34 -21.41 18.06 8.51
CA ASN A 34 -21.41 19.05 7.42
C ASN A 34 -20.13 19.84 7.60
N LEU A 35 -19.25 19.82 6.60
CA LEU A 35 -17.97 20.52 6.78
C LEU A 35 -17.52 21.02 5.44
N SER A 36 -17.20 22.31 5.40
CA SER A 36 -16.60 22.91 4.22
CA SER A 36 -16.61 22.93 4.22
C SER A 36 -15.26 23.50 4.65
N PHE A 37 -14.23 23.28 3.85
CA PHE A 37 -12.88 23.72 4.19
C PHE A 37 -12.23 24.26 2.95
N LEU A 38 -11.40 25.28 3.16
CA LEU A 38 -10.80 25.99 2.04
C LEU A 38 -9.62 25.15 1.46
N VAL A 39 -9.56 25.04 0.12
CA VAL A 39 -8.48 24.29 -0.55
C VAL A 39 -7.82 25.22 -1.59
N PRO A 40 -6.53 24.97 -1.91
CA PRO A 40 -5.93 25.72 -3.02
C PRO A 40 -6.30 25.08 -4.35
N THR A 41 -5.75 25.59 -5.45
CA THR A 41 -6.00 25.04 -6.75
C THR A 41 -5.70 23.52 -6.78
N MET A 42 -6.55 22.74 -7.46
CA MET A 42 -6.33 21.31 -7.60
C MET A 42 -5.07 20.98 -8.40
N ARG A 43 -4.31 20.00 -7.94
CA ARG A 43 -3.16 19.49 -8.72
C ARG A 43 -3.21 17.99 -8.77
N ARG A 44 -3.02 17.45 -9.95
CA ARG A 44 -3.08 16.04 -10.14
C ARG A 44 -1.74 15.51 -9.61
N GLU A 45 -1.78 14.36 -8.93
CA GLU A 45 -0.56 13.68 -8.43
C GLU A 45 -0.52 12.28 -8.98
N PHE A 46 0.69 11.72 -9.05
CA PHE A 46 0.90 10.36 -9.42
C PHE A 46 0.56 9.48 -8.24
N GLY A 47 -0.35 8.54 -8.49
CA GLY A 47 -0.84 7.64 -7.44
C GLY A 47 -1.20 6.27 -7.93
N GLY A 48 -2.22 5.69 -7.27
CA GLY A 48 -2.55 4.31 -7.50
C GLY A 48 -1.72 3.48 -6.49
N CYS A 49 -2.26 2.35 -6.02
CA CYS A 49 -1.60 1.67 -4.88
C CYS A 49 -0.34 1.04 -5.38
N ALA A 50 -0.39 0.48 -6.59
CA ALA A 50 0.84 -0.11 -7.14
C ALA A 50 1.89 0.91 -7.43
N GLY A 51 1.50 2.07 -8.00
CA GLY A 51 2.43 3.16 -8.22
C GLY A 51 3.14 3.60 -6.95
N ASN A 52 2.36 3.76 -5.89
CA ASN A 52 2.92 4.27 -4.62
C ASN A 52 3.83 3.24 -3.97
N ILE A 53 3.42 1.98 -3.94
CA ILE A 53 4.22 0.91 -3.28
C ILE A 53 5.51 0.69 -4.07
N ALA A 54 5.41 0.67 -5.39
CA ALA A 54 6.63 0.49 -6.22
C ALA A 54 7.58 1.68 -6.04
N TYR A 55 7.03 2.87 -5.90
CA TYR A 55 7.80 4.10 -5.74
C TYR A 55 8.65 3.99 -4.45
N ALA A 56 7.99 3.56 -3.38
CA ALA A 56 8.67 3.37 -2.10
C ALA A 56 9.75 2.29 -2.19
N LEU A 57 9.43 1.16 -2.80
CA LEU A 57 10.37 0.07 -2.91
C LEU A 57 11.59 0.53 -3.74
N ASN A 58 11.31 1.29 -4.80
CA ASN A 58 12.36 1.83 -5.67
C ASN A 58 13.27 2.81 -4.88
N LEU A 59 12.70 3.70 -4.05
CA LEU A 59 13.49 4.59 -3.17
C LEU A 59 14.52 3.86 -2.32
N LEU A 60 14.18 2.66 -1.89
CA LEU A 60 15.06 1.87 -1.02
C LEU A 60 16.11 1.09 -1.77
N GLY A 61 15.99 1.03 -3.11
CA GLY A 61 16.91 0.24 -3.96
C GLY A 61 16.43 -1.12 -4.36
N GLY A 62 15.13 -1.41 -4.10
CA GLY A 62 14.57 -2.67 -4.47
C GLY A 62 14.28 -2.69 -5.96
N ASP A 63 13.87 -3.84 -6.47
CA ASP A 63 13.54 -4.00 -7.90
C ASP A 63 12.03 -4.20 -8.00
N ALA A 64 11.31 -3.09 -8.18
CA ALA A 64 9.83 -3.11 -8.17
C ALA A 64 9.31 -3.28 -9.60
N ARG A 65 8.47 -4.28 -9.82
CA ARG A 65 7.90 -4.48 -11.14
C ARG A 65 6.41 -4.29 -11.01
N MET A 66 5.92 -3.11 -11.40
CA MET A 66 4.44 -2.80 -11.31
C MET A 66 3.68 -3.65 -12.29
N MET A 67 2.56 -4.27 -11.86
CA MET A 67 1.66 -4.99 -12.74
C MET A 67 0.30 -4.28 -12.56
N GLY A 68 -0.16 -3.57 -13.58
CA GLY A 68 -1.42 -2.83 -13.47
C GLY A 68 -1.77 -2.45 -14.86
N THR A 69 -2.99 -1.94 -15.00
CA THR A 69 -3.39 -1.35 -16.39
C THR A 69 -3.57 0.20 -16.34
N LEU A 70 -3.17 0.90 -17.43
CA LEU A 70 -3.35 2.31 -17.56
C LEU A 70 -4.17 2.46 -18.86
N GLY A 71 -4.70 3.65 -19.06
CA GLY A 71 -5.51 3.90 -20.28
C GLY A 71 -4.65 4.69 -21.26
N ALA A 72 -4.61 4.20 -22.51
CA ALA A 72 -3.80 4.83 -23.55
C ALA A 72 -4.08 6.30 -23.74
N VAL A 73 -5.33 6.72 -23.51
CA VAL A 73 -5.66 8.10 -23.73
C VAL A 73 -4.83 9.07 -22.90
N ASP A 74 -4.49 8.76 -21.63
CA ASP A 74 -3.77 9.75 -20.86
C ASP A 74 -2.63 9.09 -20.05
N ALA A 75 -2.19 7.89 -20.45
CA ALA A 75 -1.10 7.18 -19.74
C ALA A 75 0.25 7.89 -19.83
N GLN A 76 0.45 8.72 -20.86
CA GLN A 76 1.82 9.17 -21.15
C GLN A 76 2.65 9.80 -20.01
N PRO A 77 2.13 10.82 -19.32
CA PRO A 77 2.96 11.33 -18.23
C PRO A 77 3.43 10.26 -17.23
N TYR A 78 2.60 9.23 -16.96
CA TYR A 78 2.99 8.22 -15.96
C TYR A 78 4.07 7.31 -16.59
N LEU A 79 3.90 7.01 -17.87
CA LEU A 79 4.87 6.13 -18.56
C LEU A 79 6.24 6.80 -18.59
N ASP A 80 6.25 8.10 -18.85
CA ASP A 80 7.47 8.90 -18.86
C ASP A 80 8.08 9.02 -17.46
N ARG A 81 7.23 9.10 -16.44
CA ARG A 81 7.71 9.15 -15.05
C ARG A 81 8.34 7.81 -14.67
N MET A 82 7.71 6.69 -15.08
CA MET A 82 8.25 5.37 -14.81
C MET A 82 9.65 5.25 -15.44
N ASP A 83 9.75 5.64 -16.71
CA ASP A 83 11.08 5.66 -17.38
C ASP A 83 12.12 6.50 -16.65
N ALA A 84 11.75 7.68 -16.20
CA ALA A 84 12.68 8.59 -15.52
C ALA A 84 13.15 8.06 -14.15
N LEU A 85 12.30 7.25 -13.49
CA LEU A 85 12.69 6.68 -12.21
C LEU A 85 13.31 5.30 -12.34
N GLY A 86 13.42 4.75 -13.54
CA GLY A 86 13.96 3.40 -13.67
C GLY A 86 12.99 2.32 -13.23
N LEU A 87 11.70 2.61 -13.26
CA LEU A 87 10.72 1.54 -13.00
C LEU A 87 10.32 0.82 -14.27
N SER A 88 10.51 -0.50 -14.30
CA SER A 88 10.23 -1.28 -15.47
C SER A 88 8.76 -1.19 -15.82
N ARG A 89 8.47 -1.10 -17.10
CA ARG A 89 7.09 -1.03 -17.57
C ARG A 89 6.63 -2.32 -18.18
N GLU A 90 7.40 -3.38 -17.95
CA GLU A 90 7.13 -4.70 -18.55
C GLU A 90 5.72 -5.18 -18.33
N TYR A 91 5.16 -4.91 -17.13
CA TYR A 91 3.84 -5.42 -16.76
C TYR A 91 2.84 -4.29 -16.59
N VAL A 92 3.18 -3.12 -17.11
CA VAL A 92 2.25 -1.98 -17.15
C VAL A 92 1.58 -2.06 -18.52
N ARG A 93 0.35 -2.58 -18.53
CA ARG A 93 -0.41 -2.67 -19.78
C ARG A 93 -1.16 -1.39 -20.02
N VAL A 94 -1.04 -0.84 -21.24
CA VAL A 94 -1.68 0.42 -21.59
C VAL A 94 -2.82 0.06 -22.56
N LEU A 95 -4.09 0.30 -22.16
CA LEU A 95 -5.22 -0.21 -22.93
C LEU A 95 -5.71 0.86 -23.90
N PRO A 96 -5.97 0.45 -25.18
CA PRO A 96 -6.35 1.44 -26.16
C PRO A 96 -7.68 2.14 -25.84
N ASP A 97 -7.77 3.44 -26.11
CA ASP A 97 -9.04 4.19 -26.14
C ASP A 97 -9.77 4.08 -24.82
N THR A 98 -8.97 4.06 -23.74
CA THR A 98 -9.50 4.02 -22.37
C THR A 98 -8.73 5.08 -21.57
N TYR A 99 -9.35 5.61 -20.50
CA TYR A 99 -8.66 6.56 -19.62
C TYR A 99 -8.13 5.83 -18.37
N SER A 100 -7.06 6.37 -17.81
CA SER A 100 -6.45 5.80 -16.59
C SER A 100 -7.33 6.08 -15.40
N ALA A 101 -7.22 5.21 -14.40
CA ALA A 101 -7.93 5.45 -13.11
C ALA A 101 -7.69 6.83 -12.54
N GLN A 102 -8.74 7.42 -11.96
CA GLN A 102 -8.64 8.72 -11.34
C GLN A 102 -9.31 8.66 -9.95
N ALA A 103 -8.62 9.16 -8.92
CA ALA A 103 -9.18 9.18 -7.56
C ALA A 103 -9.35 10.64 -7.11
N MET A 104 -10.54 10.99 -6.61
CA MET A 104 -10.77 12.27 -5.92
C MET A 104 -10.86 11.92 -4.46
N ILE A 105 -9.81 12.25 -3.72
CA ILE A 105 -9.64 11.75 -2.36
C ILE A 105 -9.87 12.91 -1.42
N THR A 106 -10.83 12.76 -0.50
CA THR A 106 -11.02 13.76 0.51
C THR A 106 -10.58 13.11 1.79
N THR A 107 -9.70 13.78 2.51
CA THR A 107 -9.05 13.20 3.68
C THR A 107 -8.79 14.19 4.79
N ASP A 108 -8.48 13.68 5.97
CA ASP A 108 -8.16 14.58 7.07
C ASP A 108 -6.80 14.15 7.54
N LEU A 109 -6.37 14.75 8.64
CA LEU A 109 -5.01 14.48 9.13
C LEU A 109 -4.89 13.16 9.86
N ASP A 110 -6.00 12.55 10.18
CA ASP A 110 -6.01 11.17 10.68
C ASP A 110 -6.00 10.13 9.54
N ASN A 111 -5.89 10.55 8.26
CA ASN A 111 -5.97 9.63 7.15
C ASN A 111 -7.29 8.89 7.01
N ASN A 112 -8.37 9.55 7.44
CA ASN A 112 -9.71 9.09 7.04
C ASN A 112 -10.13 9.38 5.56
N GLN A 113 -9.88 8.48 4.68
CA GLN A 113 -10.02 8.82 3.29
C GLN A 113 -11.40 8.45 2.85
N ILE A 114 -12.09 9.45 2.27
CA ILE A 114 -13.33 9.14 1.53
C ILE A 114 -13.04 9.47 0.04
N THR A 115 -13.03 8.46 -0.84
CA THR A 115 -12.56 8.62 -2.22
C THR A 115 -13.64 8.33 -3.23
N ALA A 116 -13.84 9.26 -4.15
CA ALA A 116 -14.69 9.03 -5.31
C ALA A 116 -13.71 8.54 -6.40
N PHE A 117 -13.89 7.29 -6.81
CA PHE A 117 -12.91 6.63 -7.72
C PHE A 117 -13.54 6.34 -9.08
N HIS A 118 -12.91 6.87 -10.12
CA HIS A 118 -13.40 6.63 -11.51
C HIS A 118 -12.37 5.66 -12.15
N PRO A 119 -12.71 4.37 -12.18
CA PRO A 119 -11.65 3.34 -12.35
C PRO A 119 -11.05 3.25 -13.74
N GLY A 120 -11.82 3.58 -14.78
CA GLY A 120 -11.25 3.48 -16.13
C GLY A 120 -10.60 2.15 -16.39
N ALA A 121 -9.35 2.23 -16.84
CA ALA A 121 -8.58 1.03 -17.23
C ALA A 121 -8.33 0.05 -16.11
N MET A 122 -8.44 0.49 -14.86
CA MET A 122 -8.35 -0.45 -13.77
C MET A 122 -9.35 -1.58 -13.83
N MET A 123 -10.50 -1.33 -14.45
CA MET A 123 -11.55 -2.33 -14.65
CA MET A 123 -11.51 -2.38 -14.54
C MET A 123 -11.09 -3.58 -15.39
N GLN A 124 -10.02 -3.44 -16.17
CA GLN A 124 -9.50 -4.53 -16.99
C GLN A 124 -8.20 -5.02 -16.45
N SER A 125 -7.94 -4.81 -15.13
CA SER A 125 -6.66 -5.27 -14.57
C SER A 125 -6.32 -6.77 -14.75
N HIS A 126 -7.33 -7.64 -14.86
CA HIS A 126 -7.13 -9.09 -15.02
C HIS A 126 -6.54 -9.48 -16.43
N VAL A 127 -6.38 -8.52 -17.33
CA VAL A 127 -5.64 -8.81 -18.61
C VAL A 127 -4.19 -9.17 -18.34
N ASN A 128 -3.64 -8.70 -17.22
CA ASN A 128 -2.32 -9.16 -16.72
C ASN A 128 -2.39 -10.47 -15.95
N HIS A 129 -1.44 -11.36 -16.24
CA HIS A 129 -1.37 -12.65 -15.58
C HIS A 129 -0.13 -12.74 -14.70
N ALA A 130 -0.34 -12.67 -13.38
CA ALA A 130 0.79 -12.64 -12.44
C ALA A 130 1.66 -13.88 -12.54
N GLY A 131 1.04 -14.98 -12.95
CA GLY A 131 1.69 -16.28 -12.98
C GLY A 131 2.75 -16.30 -14.06
N GLU A 132 2.61 -15.39 -15.03
CA GLU A 132 3.54 -15.31 -16.17
C GLU A 132 4.75 -14.44 -15.93
N ALA A 133 4.79 -13.75 -14.80
CA ALA A 133 5.86 -12.78 -14.59
C ALA A 133 7.11 -13.54 -14.18
N LYS A 134 8.22 -13.16 -14.80
CA LYS A 134 9.50 -13.85 -14.62
C LYS A 134 10.33 -13.27 -13.48
N ASP A 135 11.11 -14.11 -12.81
CA ASP A 135 12.10 -13.64 -11.84
C ASP A 135 11.51 -12.90 -10.62
N ILE A 136 10.29 -13.29 -10.30
CA ILE A 136 9.61 -12.73 -9.13
C ILE A 136 9.83 -13.64 -7.93
N LYS A 137 10.34 -13.07 -6.83
CA LYS A 137 10.53 -13.83 -5.61
C LYS A 137 9.49 -13.49 -4.53
N LEU A 138 8.75 -12.40 -4.75
CA LEU A 138 7.84 -11.83 -3.69
C LEU A 138 6.83 -10.98 -4.44
N ALA A 139 5.61 -10.87 -3.93
CA ALA A 139 4.66 -10.01 -4.58
C ALA A 139 3.75 -9.36 -3.54
N ILE A 140 3.02 -8.37 -4.00
CA ILE A 140 1.91 -7.81 -3.22
C ILE A 140 0.70 -7.74 -4.15
N VAL A 141 -0.47 -8.05 -3.62
CA VAL A 141 -1.75 -7.86 -4.36
C VAL A 141 -2.51 -6.78 -3.62
N GLY A 142 -2.59 -5.58 -4.22
CA GLY A 142 -3.16 -4.38 -3.64
C GLY A 142 -4.50 -4.08 -4.30
N PRO A 143 -5.12 -2.99 -3.85
CA PRO A 143 -6.45 -2.58 -4.38
C PRO A 143 -6.40 -2.44 -5.92
N ASP A 144 -7.38 -3.06 -6.58
CA ASP A 144 -7.31 -3.14 -8.04
C ASP A 144 -8.69 -3.45 -8.52
N GLY A 145 -8.85 -3.67 -9.84
CA GLY A 145 -10.14 -4.29 -10.26
C GLY A 145 -10.40 -5.59 -9.55
N PHE A 146 -11.66 -5.88 -9.16
CA PHE A 146 -11.91 -7.10 -8.39
C PHE A 146 -11.43 -8.36 -9.07
N GLN A 147 -11.78 -8.52 -10.36
CA GLN A 147 -11.43 -9.76 -11.02
C GLN A 147 -9.89 -9.93 -11.03
N GLY A 148 -9.21 -8.83 -11.23
CA GLY A 148 -7.73 -8.77 -11.28
C GLY A 148 -7.17 -9.14 -9.92
N MET A 149 -7.67 -8.53 -8.84
CA MET A 149 -7.25 -8.96 -7.46
C MET A 149 -7.35 -10.46 -7.22
N VAL A 150 -8.52 -11.06 -7.51
CA VAL A 150 -8.73 -12.48 -7.23
C VAL A 150 -7.80 -13.35 -8.11
N GLN A 151 -7.75 -13.04 -9.41
CA GLN A 151 -6.84 -13.73 -10.33
C GLN A 151 -5.36 -13.65 -9.92
N HIS A 152 -4.90 -12.48 -9.48
CA HIS A 152 -3.52 -12.37 -9.01
C HIS A 152 -3.23 -13.23 -7.81
N THR A 153 -4.16 -13.28 -6.84
CA THR A 153 -3.96 -14.21 -5.69
C THR A 153 -3.88 -15.66 -6.13
N GLU A 154 -4.76 -16.10 -7.06
CA GLU A 154 -4.79 -17.51 -7.48
C GLU A 154 -3.53 -17.84 -8.31
N GLU A 155 -3.16 -16.92 -9.20
CA GLU A 155 -2.00 -17.18 -10.07
C GLU A 155 -0.69 -17.21 -9.26
N LEU A 156 -0.53 -16.26 -8.35
CA LEU A 156 0.68 -16.25 -7.54
C LEU A 156 0.75 -17.49 -6.67
N ALA A 157 -0.38 -17.91 -6.06
CA ALA A 157 -0.35 -19.10 -5.22
C ALA A 157 0.05 -20.35 -6.04
N GLN A 158 -0.47 -20.45 -7.25
CA GLN A 158 -0.24 -21.59 -8.15
C GLN A 158 1.24 -21.62 -8.57
N ALA A 159 1.80 -20.44 -8.82
CA ALA A 159 3.20 -20.22 -9.17
C ALA A 159 4.16 -20.31 -7.97
N GLY A 160 3.60 -20.42 -6.76
CA GLY A 160 4.38 -20.51 -5.53
C GLY A 160 5.17 -19.25 -5.17
N VAL A 161 4.66 -18.10 -5.55
CA VAL A 161 5.27 -16.81 -5.26
C VAL A 161 4.60 -16.32 -3.96
N PRO A 162 5.36 -16.18 -2.87
CA PRO A 162 4.66 -15.70 -1.65
C PRO A 162 4.20 -14.27 -1.84
N PHE A 163 3.01 -13.94 -1.29
CA PHE A 163 2.56 -12.57 -1.49
C PHE A 163 1.94 -11.92 -0.24
N ILE A 164 2.05 -10.59 -0.17
CA ILE A 164 1.29 -9.79 0.83
C ILE A 164 -0.08 -9.50 0.20
N PHE A 165 -1.13 -9.84 0.92
CA PHE A 165 -2.48 -9.50 0.49
C PHE A 165 -2.84 -8.18 1.16
N ASP A 166 -3.25 -7.18 0.36
CA ASP A 166 -3.46 -5.82 0.79
C ASP A 166 -4.78 -5.37 0.20
N PRO A 167 -5.92 -5.85 0.72
CA PRO A 167 -7.17 -5.57 0.00
C PRO A 167 -7.58 -4.10 -0.01
N GLY A 168 -7.20 -3.36 1.05
CA GLY A 168 -7.38 -1.93 1.16
C GLY A 168 -8.76 -1.42 0.73
N GLN A 169 -8.74 -0.43 -0.16
CA GLN A 169 -9.99 0.19 -0.69
C GLN A 169 -10.84 -0.77 -1.52
N GLY A 170 -10.27 -1.89 -1.96
CA GLY A 170 -11.03 -2.94 -2.65
C GLY A 170 -11.88 -3.84 -1.78
N LEU A 171 -11.77 -3.69 -0.46
CA LEU A 171 -12.43 -4.63 0.47
C LEU A 171 -13.95 -4.80 0.19
N PRO A 172 -14.68 -3.71 -0.09
CA PRO A 172 -16.13 -3.89 -0.36
C PRO A 172 -16.46 -4.82 -1.54
N LEU A 173 -15.51 -5.03 -2.44
CA LEU A 173 -15.77 -5.89 -3.61
C LEU A 173 -15.81 -7.37 -3.23
N PHE A 174 -15.23 -7.71 -2.06
CA PHE A 174 -15.13 -9.10 -1.62
C PHE A 174 -16.34 -9.58 -0.79
N ASP A 175 -16.76 -10.81 -0.99
CA ASP A 175 -17.67 -11.44 -0.04
C ASP A 175 -16.88 -12.33 0.93
N GLY A 176 -17.55 -12.98 1.87
CA GLY A 176 -16.84 -13.79 2.91
C GLY A 176 -16.02 -14.92 2.30
N ALA A 177 -16.64 -15.70 1.40
CA ALA A 177 -15.95 -16.85 0.84
C ALA A 177 -14.70 -16.40 0.08
N THR A 178 -14.86 -15.34 -0.69
CA THR A 178 -13.74 -14.87 -1.56
C THR A 178 -12.63 -14.27 -0.69
N LEU A 179 -13.02 -13.58 0.38
CA LEU A 179 -12.01 -13.03 1.28
C LEU A 179 -11.26 -14.12 2.07
N ARG A 180 -12.00 -15.09 2.62
CA ARG A 180 -11.40 -16.24 3.30
C ARG A 180 -10.40 -16.93 2.36
N ARG A 181 -10.80 -17.13 1.11
CA ARG A 181 -9.93 -17.83 0.14
C ARG A 181 -8.65 -17.05 -0.11
N SER A 182 -8.76 -15.73 -0.26
CA SER A 182 -7.58 -14.89 -0.50
C SER A 182 -6.59 -14.97 0.66
N ILE A 183 -7.13 -14.99 1.88
CA ILE A 183 -6.28 -15.08 3.08
C ILE A 183 -5.60 -16.43 3.15
N GLU A 184 -6.35 -17.50 2.85
CA GLU A 184 -5.74 -18.83 2.79
CA GLU A 184 -5.75 -18.85 2.80
C GLU A 184 -4.53 -18.83 1.85
N LEU A 185 -4.70 -18.25 0.68
CA LEU A 185 -3.62 -18.19 -0.32
C LEU A 185 -2.45 -17.27 0.09
N ALA A 186 -2.75 -16.19 0.81
CA ALA A 186 -1.75 -15.16 1.13
C ALA A 186 -0.66 -15.70 2.08
N THR A 187 0.56 -15.15 1.96
CA THR A 187 1.63 -15.43 2.95
C THR A 187 1.64 -14.37 4.07
N TYR A 188 1.20 -13.17 3.72
CA TYR A 188 1.17 -12.09 4.72
C TYR A 188 -0.07 -11.28 4.42
N ILE A 189 -0.62 -10.64 5.46
CA ILE A 189 -1.65 -9.65 5.18
CA ILE A 189 -1.68 -9.62 5.24
C ILE A 189 -1.24 -8.30 5.80
N ALA A 190 -1.47 -7.21 5.05
CA ALA A 190 -1.13 -5.87 5.58
C ALA A 190 -2.38 -5.00 5.40
N VAL A 191 -2.90 -4.52 6.51
CA VAL A 191 -4.11 -3.67 6.51
C VAL A 191 -3.92 -2.55 7.49
N ASN A 192 -4.72 -1.49 7.39
CA ASN A 192 -4.79 -0.58 8.55
C ASN A 192 -5.84 -1.07 9.56
N ASP A 193 -5.97 -0.38 10.71
CA ASP A 193 -6.79 -0.96 11.77
C ASP A 193 -8.29 -1.01 11.39
N TYR A 194 -8.71 -0.06 10.55
CA TYR A 194 -10.11 -0.03 10.11
C TYR A 194 -10.35 -1.21 9.17
N GLU A 195 -9.47 -1.36 8.18
CA GLU A 195 -9.55 -2.50 7.23
C GLU A 195 -9.48 -3.82 7.96
N ALA A 196 -8.64 -3.89 9.00
CA ALA A 196 -8.59 -5.13 9.81
C ALA A 196 -9.95 -5.51 10.42
N LYS A 197 -10.66 -4.53 10.94
CA LYS A 197 -12.00 -4.79 11.56
C LYS A 197 -12.95 -5.25 10.47
N LEU A 198 -12.88 -4.61 9.30
CA LEU A 198 -13.74 -5.05 8.18
C LEU A 198 -13.41 -6.48 7.71
N VAL A 199 -12.12 -6.82 7.68
CA VAL A 199 -11.71 -8.17 7.32
C VAL A 199 -12.29 -9.17 8.33
N CYS A 200 -12.10 -8.93 9.61
CA CYS A 200 -12.68 -9.81 10.65
C CYS A 200 -14.18 -9.91 10.41
N ASP A 201 -14.84 -8.77 10.21
CA ASP A 201 -16.32 -8.81 10.01
C ASP A 201 -16.77 -9.65 8.81
N LYS A 202 -16.15 -9.45 7.65
CA LYS A 202 -16.58 -10.13 6.42
C LYS A 202 -16.21 -11.61 6.44
N THR A 203 -14.98 -11.95 6.84
CA THR A 203 -14.62 -13.39 6.92
C THR A 203 -15.33 -14.12 8.03
N GLY A 204 -15.71 -13.37 9.06
CA GLY A 204 -16.19 -13.93 10.33
C GLY A 204 -15.07 -14.57 11.16
N TRP A 205 -13.82 -14.31 10.80
CA TRP A 205 -12.71 -14.81 11.60
C TRP A 205 -12.19 -13.75 12.55
N SER A 206 -11.67 -14.18 13.71
CA SER A 206 -10.99 -13.30 14.62
C SER A 206 -9.57 -13.03 14.10
N GLU A 207 -8.90 -12.03 14.65
CA GLU A 207 -7.46 -11.84 14.33
C GLU A 207 -6.62 -13.11 14.58
N ASP A 208 -6.92 -13.83 15.68
CA ASP A 208 -6.23 -15.12 15.96
C ASP A 208 -6.41 -16.09 14.79
N GLU A 209 -7.65 -16.17 14.29
CA GLU A 209 -7.92 -17.13 13.23
C GLU A 209 -7.19 -16.69 11.94
N ILE A 210 -7.19 -15.38 11.68
CA ILE A 210 -6.53 -14.82 10.47
C ILE A 210 -5.00 -15.08 10.58
N ALA A 211 -4.45 -14.83 11.76
CA ALA A 211 -2.99 -15.00 11.98
C ALA A 211 -2.56 -16.44 11.81
N SER A 212 -3.44 -17.37 12.14
CA SER A 212 -3.16 -18.78 11.95
C SER A 212 -3.00 -19.16 10.48
N ARG A 213 -3.41 -18.28 9.55
CA ARG A 213 -3.41 -18.63 8.12
C ARG A 213 -2.36 -17.82 7.33
N VAL A 214 -1.55 -17.02 8.05
CA VAL A 214 -0.49 -16.29 7.35
C VAL A 214 0.78 -16.36 8.18
N GLN A 215 1.93 -16.14 7.54
CA GLN A 215 3.17 -15.96 8.29
C GLN A 215 3.18 -14.67 9.12
N ALA A 216 2.53 -13.60 8.64
CA ALA A 216 2.43 -12.35 9.43
C ALA A 216 1.15 -11.60 9.14
N LEU A 217 0.56 -11.08 10.18
CA LEU A 217 -0.61 -10.19 10.07
C LEU A 217 -0.11 -8.81 10.53
N ILE A 218 -0.04 -7.88 9.61
CA ILE A 218 0.47 -6.57 9.90
C ILE A 218 -0.69 -5.58 9.89
N ILE A 219 -0.83 -4.81 10.98
CA ILE A 219 -1.96 -3.91 11.12
C ILE A 219 -1.36 -2.57 11.45
N THR A 220 -1.62 -1.61 10.57
CA THR A 220 -1.10 -0.25 10.81
C THR A 220 -2.13 0.63 11.53
N ARG A 221 -1.60 1.53 12.36
CA ARG A 221 -2.40 2.36 13.25
C ARG A 221 -2.02 3.83 13.20
N GLY A 222 -1.73 4.35 12.00
CA GLY A 222 -1.44 5.75 11.81
C GLY A 222 -0.30 6.28 12.68
N GLU A 223 -0.55 7.37 13.40
CA GLU A 223 0.46 7.96 14.26
C GLU A 223 0.84 7.07 15.45
N HIS A 224 0.02 6.06 15.74
CA HIS A 224 0.32 5.05 16.75
C HIS A 224 1.30 3.93 16.32
N GLY A 225 1.77 3.95 15.08
CA GLY A 225 2.72 2.92 14.61
C GLY A 225 1.99 1.72 14.02
N ALA A 226 2.41 0.49 14.37
CA ALA A 226 1.86 -0.70 13.78
C ALA A 226 2.09 -1.92 14.67
N THR A 227 1.42 -3.02 14.34
CA THR A 227 1.71 -4.27 15.03
C THR A 227 1.99 -5.32 13.96
N ILE A 228 2.96 -6.21 14.24
CA ILE A 228 3.19 -7.32 13.32
C ILE A 228 3.09 -8.60 14.12
N ARG A 229 2.02 -9.36 13.89
CA ARG A 229 1.83 -10.63 14.53
C ARG A 229 2.42 -11.76 13.68
N HIS A 230 3.34 -12.53 14.27
CA HIS A 230 3.95 -13.64 13.55
C HIS A 230 4.02 -14.85 14.47
N ARG A 231 4.62 -15.92 14.00
CA ARG A 231 4.58 -17.19 14.73
C ARG A 231 5.05 -17.07 16.18
N ASP A 232 6.17 -16.40 16.39
CA ASP A 232 6.80 -16.37 17.71
C ASP A 232 6.45 -15.18 18.60
N GLY A 233 5.69 -14.23 18.07
CA GLY A 233 5.27 -13.12 18.90
C GLY A 233 4.61 -12.00 18.12
N THR A 234 4.40 -10.87 18.79
CA THR A 234 3.82 -9.71 18.14
C THR A 234 4.77 -8.55 18.32
N GLU A 235 5.24 -7.94 17.23
CA GLU A 235 6.08 -6.76 17.37
C GLU A 235 5.18 -5.56 17.55
N GLN A 236 5.47 -4.71 18.52
CA GLN A 236 4.91 -3.36 18.60
C GLN A 236 5.86 -2.47 17.89
N ILE A 237 5.45 -1.96 16.72
CA ILE A 237 6.35 -1.10 15.92
C ILE A 237 6.01 0.37 16.21
N PRO A 238 6.99 1.14 16.74
CA PRO A 238 6.76 2.55 17.05
C PRO A 238 6.56 3.34 15.78
N ALA A 239 5.75 4.39 15.83
CA ALA A 239 5.83 5.39 14.77
C ALA A 239 7.12 6.17 14.88
N VAL A 240 7.58 6.70 13.74
CA VAL A 240 8.63 7.72 13.72
C VAL A 240 7.96 9.09 13.72
N ARG A 241 8.41 9.98 14.58
CA ARG A 241 7.80 11.32 14.67
C ARG A 241 7.98 12.05 13.35
N ALA A 242 6.88 12.50 12.75
CA ALA A 242 6.96 13.17 11.45
C ALA A 242 7.58 14.56 11.61
N GLU A 243 8.40 14.95 10.63
CA GLU A 243 8.96 16.28 10.60
C GLU A 243 7.82 17.33 10.53
N ARG A 244 6.76 17.06 9.76
CA ARG A 244 5.51 17.84 9.76
C ARG A 244 4.44 16.90 9.22
N VAL A 245 3.20 17.20 9.51
CA VAL A 245 2.08 16.36 9.05
C VAL A 245 1.36 17.17 7.95
N ILE A 246 1.57 16.76 6.70
CA ILE A 246 1.03 17.52 5.56
C ILE A 246 -0.14 16.73 4.95
N ASP A 247 0.11 15.46 4.61
CA ASP A 247 -0.86 14.67 3.81
C ASP A 247 -0.56 13.19 4.08
N PRO A 248 -1.49 12.49 4.74
CA PRO A 248 -1.26 11.09 5.01
C PRO A 248 -1.62 10.18 3.83
N THR A 249 -2.18 10.71 2.71
CA THR A 249 -2.54 9.81 1.61
C THR A 249 -1.34 9.00 1.09
N GLY A 250 -1.48 7.68 1.12
CA GLY A 250 -0.44 6.75 0.69
C GLY A 250 0.60 6.47 1.75
N CYS A 251 0.37 6.89 3.01
CA CYS A 251 1.28 6.42 4.13
C CYS A 251 1.34 4.92 4.13
N GLY A 252 0.19 4.23 4.06
CA GLY A 252 0.21 2.76 4.12
C GLY A 252 1.00 2.19 2.96
N ASP A 253 0.95 2.84 1.80
CA ASP A 253 1.68 2.30 0.61
C ASP A 253 3.21 2.45 0.72
N ALA A 254 3.63 3.58 1.31
CA ALA A 254 5.09 3.83 1.59
C ALA A 254 5.50 2.75 2.61
N PHE A 255 4.67 2.55 3.64
CA PHE A 255 4.94 1.51 4.63
C PHE A 255 5.08 0.13 3.94
N ARG A 256 4.15 -0.21 3.03
CA ARG A 256 4.24 -1.51 2.36
C ARG A 256 5.53 -1.68 1.50
N GLY A 257 6.00 -0.59 0.90
CA GLY A 257 7.29 -0.57 0.15
C GLY A 257 8.44 -0.94 1.09
N GLY A 258 8.45 -0.33 2.28
CA GLY A 258 9.45 -0.72 3.31
C GLY A 258 9.32 -2.14 3.76
N LEU A 259 8.09 -2.63 3.99
CA LEU A 259 7.95 -4.01 4.40
C LEU A 259 8.41 -4.99 3.36
N LEU A 260 8.07 -4.75 2.09
CA LEU A 260 8.51 -5.64 1.02
C LEU A 260 10.04 -5.69 0.94
N TYR A 261 10.67 -4.54 1.05
CA TYR A 261 12.16 -4.47 1.02
C TYR A 261 12.72 -5.32 2.15
N GLY A 262 12.16 -5.12 3.34
CA GLY A 262 12.63 -5.88 4.54
C GLY A 262 12.46 -7.36 4.35
N ILE A 263 11.29 -7.79 3.85
CA ILE A 263 11.06 -9.22 3.64
C ILE A 263 12.05 -9.81 2.61
N GLU A 264 12.27 -9.10 1.52
CA GLU A 264 13.16 -9.62 0.47
C GLU A 264 14.59 -9.81 1.01
N HIS A 265 14.98 -8.91 1.89
CA HIS A 265 16.37 -8.91 2.35
C HIS A 265 16.57 -9.58 3.70
N GLY A 266 15.53 -10.24 4.19
CA GLY A 266 15.70 -11.08 5.39
C GLY A 266 15.88 -10.23 6.65
N PHE A 267 15.21 -9.10 6.68
CA PHE A 267 15.19 -8.25 7.89
C PHE A 267 14.40 -9.06 8.90
N ASP A 268 14.69 -8.86 10.19
CA ASP A 268 13.80 -9.39 11.21
C ASP A 268 12.54 -8.53 11.22
N TRP A 269 11.46 -9.03 11.82
CA TRP A 269 10.20 -8.25 11.78
C TRP A 269 10.34 -6.92 12.49
N ALA A 270 11.09 -6.86 13.61
CA ALA A 270 11.24 -5.57 14.29
C ALA A 270 11.86 -4.54 13.36
N THR A 271 12.84 -4.91 12.53
CA THR A 271 13.50 -3.94 11.67
C THR A 271 12.72 -3.71 10.37
N ALA A 272 12.11 -4.78 9.83
CA ALA A 272 11.25 -4.59 8.65
C ALA A 272 10.11 -3.62 9.03
N GLY A 273 9.47 -3.88 10.16
CA GLY A 273 8.38 -2.98 10.65
C GLY A 273 8.86 -1.56 10.82
N ARG A 274 10.02 -1.39 11.46
CA ARG A 274 10.54 -0.04 11.70
C ARG A 274 10.93 0.70 10.42
N LEU A 275 11.47 -0.02 9.44
CA LEU A 275 11.73 0.64 8.16
C LEU A 275 10.43 1.08 7.47
N ALA A 276 9.47 0.19 7.52
CA ALA A 276 8.13 0.50 6.97
C ALA A 276 7.55 1.75 7.66
N SER A 277 7.65 1.79 9.01
CA SER A 277 7.15 2.88 9.82
C SER A 277 7.85 4.19 9.47
N LEU A 278 9.15 4.10 9.27
CA LEU A 278 9.88 5.28 8.83
C LEU A 278 9.41 5.77 7.44
N MET A 279 9.24 4.85 6.46
CA MET A 279 8.76 5.26 5.11
C MET A 279 7.45 6.07 5.23
N GLY A 280 6.55 5.59 6.06
CA GLY A 280 5.26 6.30 6.26
C GLY A 280 5.48 7.69 6.84
N ALA A 281 6.40 7.83 7.82
CA ALA A 281 6.71 9.16 8.39
C ALA A 281 7.41 10.10 7.40
N LEU A 282 8.25 9.58 6.51
CA LEU A 282 8.88 10.39 5.48
C LEU A 282 7.84 10.89 4.49
N LYS A 283 6.91 10.01 4.15
CA LYS A 283 5.89 10.34 3.16
C LYS A 283 4.94 11.42 3.70
N ILE A 284 4.56 11.37 4.96
CA ILE A 284 3.50 12.26 5.49
C ILE A 284 3.93 13.71 5.53
N ALA A 285 5.25 13.95 5.40
CA ALA A 285 5.72 15.33 5.48
C ALA A 285 5.58 16.03 4.15
N HIS A 286 5.00 15.38 3.16
CA HIS A 286 4.83 16.00 1.84
C HIS A 286 3.44 15.76 1.28
N GLN A 287 3.03 16.61 0.34
CA GLN A 287 1.67 16.53 -0.19
C GLN A 287 1.71 15.53 -1.33
N GLY A 288 0.74 14.62 -1.42
CA GLY A 288 0.72 13.61 -2.49
C GLY A 288 1.41 12.31 -2.06
N PRO A 289 1.06 11.18 -2.69
CA PRO A 289 1.67 9.94 -2.20
C PRO A 289 3.12 9.68 -2.61
N GLN A 290 3.62 10.37 -3.64
CA GLN A 290 4.96 10.03 -4.16
C GLN A 290 5.88 11.26 -4.24
N THR A 291 5.55 12.34 -3.56
CA THR A 291 6.34 13.57 -3.60
CA THR A 291 6.41 13.52 -3.68
C THR A 291 7.64 13.50 -2.76
N TYR A 292 7.57 12.79 -1.65
CA TYR A 292 8.79 12.63 -0.80
C TYR A 292 9.85 11.90 -1.64
N ALA A 293 11.14 12.28 -1.51
CA ALA A 293 12.19 11.67 -2.32
C ALA A 293 13.52 11.54 -1.61
N PRO A 294 13.53 10.91 -0.44
CA PRO A 294 14.81 10.69 0.26
C PRO A 294 15.77 9.77 -0.52
N THR A 295 17.10 9.98 -0.38
CA THR A 295 18.05 8.99 -0.85
C THR A 295 18.13 7.89 0.18
N ARG A 296 18.70 6.75 -0.23
CA ARG A 296 18.87 5.63 0.66
C ARG A 296 19.77 6.02 1.86
N ALA A 297 20.80 6.82 1.60
CA ALA A 297 21.61 7.29 2.76
C ALA A 297 20.82 8.14 3.78
N GLU A 298 19.93 9.02 3.30
CA GLU A 298 19.03 9.77 4.16
C GLU A 298 18.04 8.87 4.95
N ILE A 299 17.46 7.87 4.28
CA ILE A 299 16.63 6.88 4.96
C ILE A 299 17.41 6.18 6.12
N ASP A 300 18.61 5.70 5.81
CA ASP A 300 19.40 5.04 6.84
C ASP A 300 19.76 5.95 8.00
N ALA A 301 20.09 7.21 7.73
CA ALA A 301 20.43 8.15 8.79
C ALA A 301 19.20 8.43 9.69
N ARG A 302 18.02 8.61 9.06
CA ARG A 302 16.82 8.88 9.84
C ARG A 302 16.40 7.65 10.64
N PHE A 303 16.61 6.45 10.06
CA PHE A 303 16.36 5.21 10.79
C PHE A 303 17.24 5.15 12.04
N GLU A 304 18.52 5.42 11.87
CA GLU A 304 19.43 5.30 13.01
C GLU A 304 19.12 6.35 14.09
N THR A 305 18.79 7.57 13.67
CA THR A 305 18.30 8.58 14.63
C THR A 305 17.09 8.16 15.45
N ALA A 306 16.09 7.58 14.79
CA ALA A 306 14.88 7.16 15.46
C ALA A 306 15.09 5.95 16.38
N PHE A 307 15.91 4.95 15.93
CA PHE A 307 15.89 3.62 16.53
C PHE A 307 17.22 3.16 17.14
N GLY A 308 18.31 3.85 16.82
CA GLY A 308 19.58 3.54 17.48
C GLY A 308 20.51 2.56 16.77
N TYR A 309 20.11 2.04 15.59
CA TYR A 309 20.92 1.13 14.79
C TYR A 309 20.61 1.33 13.30
N ARG A 310 21.40 0.77 12.41
CA ARG A 310 21.18 0.94 10.95
C ARG A 310 20.37 -0.26 10.46
N PRO A 311 19.51 -0.03 9.48
CA PRO A 311 18.67 -1.12 9.02
C PRO A 311 19.31 -1.94 7.89
N LYS A 312 19.31 -3.27 8.06
CA LYS A 312 19.73 -4.21 7.01
CA LYS A 312 19.82 -4.23 7.07
C LYS A 312 19.34 -5.63 7.36
N GLY A 313 19.51 -6.54 6.40
CA GLY A 313 19.02 -7.86 6.55
C GLY A 313 19.93 -8.67 7.47
N SER A 314 19.37 -9.76 7.99
CA SER A 314 20.10 -10.69 8.88
C SER A 314 21.37 -11.17 8.22
N LYS A 315 22.44 -11.21 9.02
CA LYS A 315 23.69 -11.83 8.60
C LYS A 315 23.88 -13.20 9.22
N LEU A 316 22.87 -13.72 9.91
CA LEU A 316 22.94 -15.07 10.46
C LEU A 316 22.92 -16.08 9.30
N ARG A 317 23.87 -16.98 9.26
CA ARG A 317 23.84 -18.01 8.23
C ARG A 317 23.35 -19.26 8.92
N SER A 318 22.05 -19.32 9.26
CA SER A 318 21.51 -20.52 9.94
C SER A 318 21.17 -21.57 8.90
N LEU A 319 20.78 -22.76 9.35
CA LEU A 319 20.28 -23.80 8.41
C LEU A 319 18.91 -23.47 7.78
N GLU A 320 18.16 -22.54 8.38
CA GLU A 320 16.88 -21.97 7.84
C GLU A 320 15.57 -22.42 8.50
N9 NOS B . -7.12 4.25 -4.56
C4 NOS B . -7.60 3.12 -5.08
N3 NOS B . -7.11 2.05 -5.79
C2 NOS B . -7.86 1.01 -6.15
N1 NOS B . -9.19 0.99 -5.82
C6 NOS B . -9.79 2.00 -5.14
O6 NOS B . -11.09 1.88 -4.79
C5 NOS B . -9.02 3.13 -4.64
N7 NOS B . -9.26 4.25 -3.95
C8 NOS B . -8.08 4.97 -3.89
C5' NOS B . -3.72 5.43 -1.64
O5' NOS B . -3.41 4.16 -1.02
C4' NOS B . -4.06 5.19 -3.11
O4' NOS B . -5.27 4.45 -3.23
C1' NOS B . -5.70 4.63 -4.62
C2' NOS B . -5.43 6.08 -4.86
O2' NOS B . -5.04 6.16 -6.24
C3' NOS B . -4.31 6.47 -3.91
O3' NOS B . -3.10 6.84 -4.64
PB ADP C . -3.05 3.74 5.56
O1B ADP C . -2.49 4.77 4.61
O2B ADP C . -4.38 4.12 6.20
O3B ADP C . -3.10 2.39 5.01
PA ADP C . -1.73 4.33 8.14
O1A ADP C . -2.47 5.65 8.30
O2A ADP C . -1.97 3.35 9.28
O3A ADP C . -1.96 3.60 6.76
O5' ADP C . -0.19 4.79 8.05
C5' ADP C . 0.76 3.76 7.80
C4' ADP C . 2.04 4.04 8.63
O4' ADP C . 2.53 5.33 8.28
C3' ADP C . 1.83 4.11 10.11
O3' ADP C . 1.81 2.81 10.71
C2' ADP C . 2.98 5.01 10.53
O2' ADP C . 4.14 4.13 10.64
C1' ADP C . 3.12 6.02 9.38
N9 ADP C . 2.25 7.16 9.73
C8 ADP C . 0.92 7.36 9.43
N7 ADP C . 0.47 8.49 10.05
C5 ADP C . 1.56 9.04 10.72
C6 ADP C . 1.81 10.23 11.58
N6 ADP C . 0.80 11.12 11.83
N1 ADP C . 3.06 10.40 12.09
C2 ADP C . 4.06 9.50 11.82
N3 ADP C . 3.91 8.40 11.08
C4 ADP C . 2.69 8.15 10.51
NA NA D . -2.40 -17.92 3.87
#